data_8ALW
#
_entry.id   8ALW
#
_cell.length_a   81.896
_cell.length_b   112.282
_cell.length_c   62.452
_cell.angle_alpha   90.00
_cell.angle_beta   90.00
_cell.angle_gamma   90.00
#
_symmetry.space_group_name_H-M   'C 2 2 21'
#
loop_
_entity.id
_entity.type
_entity.pdbx_description
1 polymer '14-3-3 protein sigma'
2 polymer 'Estrogen receptor'
3 non-polymer 'MAGNESIUM ION'
4 non-polymer 2-chloranyl-N-[[1-[4-[(4-chlorophenyl)amino]oxan-4-yl]carbonylpiperidin-4-yl]methyl]ethanamide
5 water water
#
loop_
_entity_poly.entity_id
_entity_poly.type
_entity_poly.pdbx_seq_one_letter_code
_entity_poly.pdbx_strand_id
1 'polypeptide(L)'
;GAMGSMERASLIQKAKLAEQAERYEDMAAFMKGAVEKGEELSCEERNLLSVAYKNVVGGQRAAWRVLSSIEQKSNEEGSE
EKGPEVREYREKVETELQGVCDTVLGLLDSHLIKEAGDAESRVFYLKMKGDYYRYLAEVATGDDKKRIIDSARSAYQEAM
DISKKEMPPTNPIRLGLALNFSVFHYEIANSPEEAISLAKTTFDEAMADLHTLSEDSYKDSTLIMQLLRDNLTLWT
;
A
2 'polypeptide(L)' FPA(TPO)V B
#
loop_
_chem_comp.id
_chem_comp.type
_chem_comp.name
_chem_comp.formula
MG non-polymer 'MAGNESIUM ION' 'Mg 2'
MVO non-polymer 2-chloranyl-N-[[1-[4-[(4-chlorophenyl)amino]oxan-4-yl]carbonylpiperidin-4-yl]methyl]ethanamide 'C20 H27 Cl2 N3 O3'
#
# COMPACT_ATOMS: atom_id res chain seq x y z
N GLY A 1 23.79 7.40 4.57
CA GLY A 1 22.52 8.01 4.10
C GLY A 1 22.53 9.47 4.53
N ALA A 2 21.87 10.32 3.72
CA ALA A 2 21.89 11.76 3.91
C ALA A 2 21.23 12.20 5.22
N MET A 3 20.37 11.35 5.79
CA MET A 3 19.72 11.62 7.06
C MET A 3 20.44 11.06 8.28
N GLY A 4 21.60 10.44 8.05
CA GLY A 4 22.32 9.81 9.14
C GLY A 4 22.79 10.74 10.23
N SER A 5 23.00 12.03 9.91
CA SER A 5 23.43 13.00 10.90
C SER A 5 22.32 13.69 11.67
N MET A 6 21.07 13.41 11.30
CA MET A 6 19.95 14.10 11.94
C MET A 6 19.36 13.24 13.03
N GLU A 7 19.05 13.88 14.16
CA GLU A 7 18.35 13.19 15.26
C GLU A 7 17.07 12.52 14.82
N ARG A 8 16.81 11.34 15.37
CA ARG A 8 15.54 10.62 15.15
C ARG A 8 14.36 11.55 15.40
N ALA A 9 14.34 12.25 16.54
CA ALA A 9 13.18 13.06 16.87
C ALA A 9 13.00 14.19 15.87
N SER A 10 14.12 14.75 15.39
CA SER A 10 14.08 15.83 14.43
C SER A 10 13.56 15.35 13.07
N LEU A 11 13.91 14.12 12.70
CA LEU A 11 13.40 13.53 11.46
C LEU A 11 11.87 13.37 11.56
N ILE A 12 11.38 12.88 12.70
CA ILE A 12 9.95 12.71 12.90
C ILE A 12 9.22 14.07 12.89
N GLN A 13 9.81 15.07 13.57
CA GLN A 13 9.25 16.42 13.57
C GLN A 13 9.13 16.95 12.15
N LYS A 14 10.22 16.80 11.38
CA LYS A 14 10.24 17.29 10.02
C LYS A 14 9.32 16.52 9.08
N ALA A 15 9.16 15.22 9.32
CA ALA A 15 8.17 14.44 8.53
C ALA A 15 6.76 15.04 8.73
N LYS A 16 6.43 15.45 9.96
CA LYS A 16 5.14 16.04 10.24
C LYS A 16 4.98 17.40 9.56
N LEU A 17 6.06 18.19 9.55
CA LEU A 17 6.05 19.46 8.85
C LEU A 17 5.88 19.27 7.33
N ALA A 18 6.59 18.29 6.79
CA ALA A 18 6.53 17.97 5.39
C ALA A 18 5.09 17.55 4.99
N GLU A 19 4.44 16.77 5.85
CA GLU A 19 3.05 16.42 5.61
C GLU A 19 2.14 17.67 5.53
N GLN A 20 2.32 18.59 6.49
CA GLN A 20 1.53 19.81 6.52
C GLN A 20 1.73 20.65 5.25
N ALA A 21 2.97 20.62 4.74
CA ALA A 21 3.37 21.32 3.51
C ALA A 21 3.08 20.54 2.21
N GLU A 22 2.53 19.33 2.33
CA GLU A 22 2.26 18.43 1.21
C GLU A 22 3.53 18.13 0.39
N ARG A 23 4.64 18.01 1.11
CA ARG A 23 5.98 17.70 0.56
C ARG A 23 6.25 16.22 0.82
N TYR A 24 5.58 15.33 0.09
CA TYR A 24 5.56 13.90 0.43
C TYR A 24 6.89 13.22 0.13
N GLU A 25 7.62 13.66 -0.90
CA GLU A 25 8.96 13.13 -1.14
C GLU A 25 9.87 13.42 0.06
N ASP A 26 9.85 14.66 0.55
CA ASP A 26 10.61 15.00 1.75
C ASP A 26 10.15 14.15 2.92
N MET A 27 8.84 14.02 3.10
CA MET A 27 8.28 13.26 4.22
C MET A 27 8.81 11.83 4.21
N ALA A 28 8.85 11.23 3.02
CA ALA A 28 9.31 9.86 2.89
C ALA A 28 10.80 9.76 3.22
N ALA A 29 11.59 10.73 2.72
CA ALA A 29 13.00 10.73 3.01
C ALA A 29 13.29 10.87 4.50
N PHE A 30 12.53 11.73 5.18
CA PHE A 30 12.67 11.88 6.61
C PHE A 30 12.33 10.56 7.33
N MET A 31 11.22 9.93 6.93
CA MET A 31 10.81 8.69 7.59
C MET A 31 11.76 7.54 7.31
N LYS A 32 12.32 7.48 6.09
CA LYS A 32 13.36 6.50 5.79
C LYS A 32 14.54 6.69 6.75
N GLY A 33 14.95 7.95 6.94
CA GLY A 33 16.01 8.22 7.90
C GLY A 33 15.67 7.76 9.29
N ALA A 34 14.42 8.00 9.71
CA ALA A 34 13.97 7.62 11.04
C ALA A 34 13.99 6.08 11.21
N VAL A 35 13.51 5.35 10.20
CA VAL A 35 13.55 3.88 10.25
C VAL A 35 15.00 3.40 10.38
N GLU A 36 15.90 4.02 9.61
CA GLU A 36 17.28 3.59 9.58
C GLU A 36 18.05 3.87 10.87
N LYS A 37 17.46 4.61 11.82
CA LYS A 37 18.02 4.69 13.18
C LYS A 37 18.03 3.34 13.88
N GLY A 38 17.15 2.42 13.47
CA GLY A 38 17.19 1.06 13.95
C GLY A 38 16.25 0.73 15.09
N GLU A 39 15.59 1.74 15.65
CA GLU A 39 14.62 1.53 16.71
C GLU A 39 13.26 1.19 16.07
N GLU A 40 12.44 0.45 16.80
CA GLU A 40 11.06 0.19 16.36
C GLU A 40 10.29 1.51 16.26
N LEU A 41 9.21 1.50 15.47
CA LEU A 41 8.36 2.66 15.27
C LEU A 41 7.11 2.51 16.12
N SER A 42 6.68 3.62 16.71
CA SER A 42 5.40 3.69 17.35
C SER A 42 4.27 3.67 16.30
N CYS A 43 3.02 3.56 16.77
CA CYS A 43 1.88 3.61 15.86
C CYS A 43 1.86 4.90 15.02
N GLU A 44 2.01 6.04 15.67
CA GLU A 44 2.01 7.31 14.98
C GLU A 44 3.12 7.34 13.91
N GLU A 45 4.30 6.83 14.26
CA GLU A 45 5.41 6.84 13.34
C GLU A 45 5.20 5.90 12.15
N ARG A 46 4.61 4.73 12.41
CA ARG A 46 4.24 3.79 11.33
C ARG A 46 3.28 4.50 10.38
N ASN A 47 2.33 5.27 10.92
CA ASN A 47 1.39 6.00 10.08
C ASN A 47 2.10 7.05 9.22
N LEU A 48 3.07 7.75 9.79
CA LEU A 48 3.81 8.72 9.01
C LEU A 48 4.56 8.05 7.85
N LEU A 49 5.20 6.94 8.14
CA LEU A 49 5.92 6.21 7.12
C LEU A 49 4.97 5.80 5.97
N SER A 50 3.84 5.20 6.33
CA SER A 50 2.89 4.71 5.33
C SER A 50 2.28 5.84 4.52
N VAL A 51 1.91 6.93 5.18
CA VAL A 51 1.34 8.08 4.46
C VAL A 51 2.32 8.63 3.44
N ALA A 52 3.58 8.80 3.84
CA ALA A 52 4.57 9.40 2.97
C ALA A 52 4.72 8.61 1.69
N TYR A 53 5.02 7.32 1.84
CA TYR A 53 5.28 6.45 0.67
C TYR A 53 3.98 6.24 -0.12
N LYS A 54 2.82 6.15 0.55
CA LYS A 54 1.58 5.97 -0.21
C LYS A 54 1.36 7.13 -1.18
N ASN A 55 1.65 8.34 -0.72
CA ASN A 55 1.46 9.51 -1.52
C ASN A 55 2.49 9.58 -2.66
N VAL A 56 3.76 9.24 -2.37
CA VAL A 56 4.78 9.28 -3.42
C VAL A 56 4.44 8.24 -4.49
N VAL A 57 4.22 6.98 -4.06
CA VAL A 57 3.96 5.92 -5.06
C VAL A 57 2.63 6.14 -5.75
N GLY A 58 1.64 6.68 -5.02
CA GLY A 58 0.35 7.00 -5.59
C GLY A 58 0.48 7.92 -6.79
N GLY A 59 1.27 8.98 -6.63
CA GLY A 59 1.53 9.89 -7.74
C GLY A 59 2.22 9.21 -8.92
N GLN A 60 3.19 8.34 -8.62
CA GLN A 60 3.91 7.63 -9.68
C GLN A 60 2.99 6.68 -10.43
N ARG A 61 2.13 6.00 -9.70
CA ARG A 61 1.17 5.06 -10.32
C ARG A 61 0.22 5.84 -11.24
N ALA A 62 -0.29 6.98 -10.77
CA ALA A 62 -1.20 7.73 -11.59
C ALA A 62 -0.49 8.16 -12.88
N ALA A 63 0.76 8.63 -12.75
CA ALA A 63 1.51 9.06 -13.94
C ALA A 63 1.78 7.88 -14.88
N TRP A 64 2.15 6.74 -14.30
CA TRP A 64 2.39 5.55 -15.08
C TRP A 64 1.17 5.16 -15.90
N ARG A 65 0.00 5.26 -15.28
CA ARG A 65 -1.26 4.88 -15.96
C ARG A 65 -1.54 5.85 -17.12
N VAL A 66 -1.29 7.14 -16.92
CA VAL A 66 -1.48 8.11 -18.01
C VAL A 66 -0.58 7.72 -19.19
N LEU A 67 0.69 7.45 -18.89
CA LEU A 67 1.66 7.17 -19.92
C LEU A 67 1.41 5.81 -20.61
N SER A 68 1.04 4.80 -19.81
CA SER A 68 0.71 3.49 -20.36
C SER A 68 -0.48 3.56 -21.32
N SER A 69 -1.48 4.38 -20.99
CA SER A 69 -2.63 4.54 -21.86
C SER A 69 -2.23 5.16 -23.19
N ILE A 70 -1.37 6.18 -23.14
CA ILE A 70 -0.90 6.84 -24.35
C ILE A 70 -0.12 5.82 -25.20
N GLU A 71 0.70 5.03 -24.52
CA GLU A 71 1.51 4.02 -25.20
C GLU A 71 0.63 2.95 -25.89
N GLN A 72 -0.40 2.48 -25.17
CA GLN A 72 -1.34 1.50 -25.70
C GLN A 72 -2.03 2.06 -26.95
N LYS A 73 -2.47 3.32 -26.88
CA LYS A 73 -3.11 3.97 -28.02
C LYS A 73 -2.17 4.10 -29.24
N SER A 74 -0.89 4.32 -28.99
CA SER A 74 0.14 4.39 -30.02
C SER A 74 0.37 3.09 -30.77
N ASN A 75 0.02 1.96 -30.13
CA ASN A 75 0.19 0.65 -30.74
C ASN A 75 -1.07 0.07 -31.41
N GLU A 76 -2.15 0.85 -31.45
CA GLU A 76 -3.37 0.48 -32.17
C GLU A 76 -3.18 0.66 -33.68
N GLU A 77 -4.02 -0.03 -34.47
CA GLU A 77 -4.03 0.11 -35.92
C GLU A 77 -4.45 1.53 -36.31
N GLY A 78 -3.72 2.12 -37.27
CA GLY A 78 -4.02 3.46 -37.77
C GLY A 78 -3.31 4.57 -37.01
N SER A 79 -2.61 4.22 -35.92
CA SER A 79 -1.86 5.20 -35.11
C SER A 79 -0.53 5.49 -35.78
N GLU A 80 -0.19 6.78 -35.88
CA GLU A 80 1.03 7.20 -36.55
C GLU A 80 2.22 6.87 -35.65
N GLU A 81 3.30 6.34 -36.24
CA GLU A 81 4.53 6.02 -35.54
C GLU A 81 5.16 7.32 -35.07
N LYS A 82 5.41 7.42 -33.75
CA LYS A 82 5.96 8.63 -33.15
C LYS A 82 7.32 8.42 -32.51
N GLY A 83 7.91 7.25 -32.73
CA GLY A 83 9.23 6.95 -32.21
C GLY A 83 9.21 6.35 -30.82
N PRO A 84 10.40 6.23 -30.18
CA PRO A 84 10.53 5.51 -28.92
C PRO A 84 10.19 6.34 -27.66
N GLU A 85 9.82 7.61 -27.84
CA GLU A 85 9.74 8.52 -26.69
C GLU A 85 8.70 8.14 -25.64
N VAL A 86 7.51 7.70 -26.08
CA VAL A 86 6.47 7.37 -25.14
C VAL A 86 6.90 6.18 -24.28
N ARG A 87 7.39 5.13 -24.94
CA ARG A 87 7.90 3.94 -24.23
C ARG A 87 9.04 4.37 -23.30
N GLU A 88 9.98 5.19 -23.78
CA GLU A 88 11.11 5.59 -22.94
C GLU A 88 10.64 6.28 -21.66
N TYR A 89 9.71 7.21 -21.80
CA TYR A 89 9.28 8.02 -20.65
C TYR A 89 8.42 7.17 -19.72
N ARG A 90 7.60 6.28 -20.26
CA ARG A 90 6.86 5.32 -19.41
C ARG A 90 7.86 4.47 -18.62
N GLU A 91 8.89 3.98 -19.30
CA GLU A 91 9.96 3.22 -18.64
C GLU A 91 10.64 4.02 -17.55
N LYS A 92 10.87 5.30 -17.79
CA LYS A 92 11.55 6.16 -16.80
C LYS A 92 10.72 6.23 -15.52
N VAL A 93 9.44 6.53 -15.70
CA VAL A 93 8.51 6.62 -14.57
C VAL A 93 8.42 5.26 -13.87
N GLU A 94 8.31 4.20 -14.66
CA GLU A 94 8.24 2.84 -14.15
C GLU A 94 9.46 2.50 -13.28
N THR A 95 10.65 2.86 -13.76
CA THR A 95 11.87 2.52 -13.05
C THR A 95 11.92 3.29 -11.73
N GLU A 96 11.48 4.55 -11.74
CA GLU A 96 11.43 5.34 -10.50
C GLU A 96 10.45 4.71 -9.50
N LEU A 97 9.29 4.30 -10.00
CA LEU A 97 8.30 3.63 -9.18
C LEU A 97 8.84 2.36 -8.55
N GLN A 98 9.47 1.54 -9.37
CA GLN A 98 10.06 0.30 -8.87
C GLN A 98 11.12 0.60 -7.81
N GLY A 99 11.88 1.69 -8.02
CA GLY A 99 12.86 2.08 -7.03
C GLY A 99 12.29 2.42 -5.68
N VAL A 100 11.18 3.16 -5.69
CA VAL A 100 10.51 3.49 -4.44
C VAL A 100 9.96 2.22 -3.76
N CYS A 101 9.33 1.33 -4.54
CA CYS A 101 8.84 0.08 -4.01
C CYS A 101 9.96 -0.73 -3.38
N ASP A 102 11.09 -0.82 -4.08
CA ASP A 102 12.22 -1.55 -3.54
C ASP A 102 12.75 -0.91 -2.26
N THR A 103 12.74 0.42 -2.20
CA THR A 103 13.15 1.11 -0.99
C THR A 103 12.26 0.73 0.19
N VAL A 104 10.94 0.78 0.00
CA VAL A 104 10.01 0.47 1.07
C VAL A 104 10.18 -1.01 1.49
N LEU A 105 10.21 -1.92 0.50
CA LEU A 105 10.38 -3.32 0.79
C LEU A 105 11.67 -3.55 1.58
N GLY A 106 12.70 -2.80 1.21
CA GLY A 106 13.94 -2.89 1.91
C GLY A 106 13.88 -2.48 3.37
N LEU A 107 13.17 -1.40 3.66
CA LEU A 107 12.98 -1.00 5.05
C LEU A 107 12.22 -2.06 5.83
N LEU A 108 11.20 -2.66 5.20
CA LEU A 108 10.41 -3.69 5.84
C LEU A 108 11.25 -4.92 6.14
N ASP A 109 12.11 -5.28 5.20
CA ASP A 109 12.98 -6.46 5.36
C ASP A 109 14.20 -6.22 6.23
N SER A 110 14.59 -4.95 6.42
CA SER A 110 15.81 -4.59 7.13
C SER A 110 15.53 -3.37 8.02
N HIS A 111 14.86 -3.54 9.17
CA HIS A 111 14.48 -4.80 9.79
C HIS A 111 13.13 -4.69 10.47
N LEU A 112 12.22 -3.92 9.87
CA LEU A 112 10.99 -3.64 10.56
C LEU A 112 10.14 -4.87 10.88
N ILE A 113 9.94 -5.74 9.89
CA ILE A 113 9.08 -6.89 10.10
C ILE A 113 9.65 -7.81 11.19
N LYS A 114 10.93 -8.14 11.10
CA LYS A 114 11.46 -9.14 12.01
C LYS A 114 11.44 -8.69 13.46
N GLU A 115 11.44 -7.37 13.72
CA GLU A 115 11.40 -6.85 15.08
C GLU A 115 9.97 -6.62 15.57
N ALA A 116 8.97 -6.78 14.68
CA ALA A 116 7.58 -6.46 15.02
C ALA A 116 6.89 -7.69 15.58
N GLY A 117 6.68 -7.69 16.89
CA GLY A 117 6.04 -8.81 17.60
C GLY A 117 4.60 -8.65 17.94
N ASP A 118 4.16 -7.41 18.12
CA ASP A 118 2.77 -7.18 18.45
C ASP A 118 1.95 -7.30 17.18
N ALA A 119 0.74 -7.84 17.31
CA ALA A 119 -0.10 -8.05 16.15
C ALA A 119 -0.30 -6.77 15.34
N GLU A 120 -0.53 -5.65 16.03
CA GLU A 120 -0.84 -4.41 15.33
C GLU A 120 0.32 -3.93 14.46
N SER A 121 1.54 -4.08 14.95
CA SER A 121 2.69 -3.63 14.18
C SER A 121 2.98 -4.63 13.06
N ARG A 122 2.99 -5.92 13.41
CA ARG A 122 3.35 -6.97 12.43
C ARG A 122 2.35 -6.96 11.27
N VAL A 123 1.05 -6.94 11.56
CA VAL A 123 0.05 -6.93 10.50
C VAL A 123 0.21 -5.67 9.61
N PHE A 124 0.43 -4.52 10.25
CA PHE A 124 0.61 -3.27 9.51
C PHE A 124 1.76 -3.37 8.50
N TYR A 125 2.91 -3.89 8.94
CA TYR A 125 4.10 -4.00 8.07
C TYR A 125 3.88 -5.07 6.99
N LEU A 126 3.25 -6.19 7.33
CA LEU A 126 3.02 -7.22 6.35
C LEU A 126 2.02 -6.73 5.27
N LYS A 127 1.01 -5.96 5.70
CA LYS A 127 0.10 -5.31 4.75
C LYS A 127 0.92 -4.41 3.77
N MET A 128 1.80 -3.57 4.33
CA MET A 128 2.65 -2.72 3.52
C MET A 128 3.45 -3.57 2.52
N LYS A 129 4.02 -4.69 3.01
CA LYS A 129 4.80 -5.56 2.11
C LYS A 129 3.91 -6.04 0.94
N GLY A 130 2.69 -6.48 1.25
CA GLY A 130 1.75 -6.86 0.20
C GLY A 130 1.47 -5.73 -0.77
N ASP A 131 1.23 -4.53 -0.21
CA ASP A 131 0.91 -3.37 -1.02
C ASP A 131 2.04 -3.06 -2.02
N TYR A 132 3.28 -3.02 -1.56
CA TYR A 132 4.40 -2.58 -2.44
C TYR A 132 4.74 -3.71 -3.44
N TYR A 133 4.58 -4.99 -3.10
CA TYR A 133 4.65 -6.03 -4.14
C TYR A 133 3.49 -5.89 -5.12
N ARG A 134 2.30 -5.52 -4.64
CA ARG A 134 1.15 -5.31 -5.56
C ARG A 134 1.52 -4.20 -6.56
N TYR A 135 2.13 -3.10 -6.10
CA TYR A 135 2.51 -2.00 -7.03
C TYR A 135 3.55 -2.48 -8.03
N LEU A 136 4.49 -3.31 -7.57
CA LEU A 136 5.42 -3.91 -8.50
C LEU A 136 4.71 -4.79 -9.52
N ALA A 137 3.71 -5.54 -9.06
CA ALA A 137 2.94 -6.43 -9.94
C ALA A 137 2.17 -5.66 -11.01
N GLU A 138 1.71 -4.45 -10.64
CA GLU A 138 0.92 -3.66 -11.57
C GLU A 138 1.70 -3.36 -12.85
N VAL A 139 3.03 -3.22 -12.74
CA VAL A 139 3.89 -2.84 -13.86
C VAL A 139 4.75 -3.99 -14.41
N ALA A 140 4.63 -5.17 -13.82
CA ALA A 140 5.47 -6.31 -14.18
C ALA A 140 4.98 -6.98 -15.44
N THR A 141 5.94 -7.33 -16.31
CA THR A 141 5.68 -8.03 -17.58
C THR A 141 6.66 -9.18 -17.91
N GLY A 142 7.64 -9.44 -17.03
CA GLY A 142 8.73 -10.39 -17.33
C GLY A 142 8.65 -11.75 -16.61
N ASP A 143 9.80 -12.44 -16.61
CA ASP A 143 9.97 -13.83 -16.08
C ASP A 143 9.47 -13.93 -14.63
N ASP A 144 9.61 -12.85 -13.86
CA ASP A 144 9.33 -12.83 -12.43
C ASP A 144 7.95 -12.35 -12.05
N LYS A 145 7.10 -12.06 -13.03
CA LYS A 145 5.78 -11.51 -12.72
C LYS A 145 4.98 -12.42 -11.76
N LYS A 146 4.95 -13.73 -12.04
CA LYS A 146 4.24 -14.63 -11.15
C LYS A 146 4.79 -14.62 -9.76
N ARG A 147 6.12 -14.58 -9.62
CA ARG A 147 6.79 -14.59 -8.30
C ARG A 147 6.45 -13.27 -7.59
N ILE A 148 6.36 -12.14 -8.31
CA ILE A 148 6.05 -10.87 -7.67
C ILE A 148 4.61 -10.95 -7.12
N ILE A 149 3.69 -11.44 -7.95
CA ILE A 149 2.31 -11.62 -7.52
C ILE A 149 2.24 -12.52 -6.29
N ASP A 150 2.99 -13.62 -6.32
CA ASP A 150 2.97 -14.54 -5.19
C ASP A 150 3.55 -13.94 -3.91
N SER A 151 4.55 -13.06 -4.06
CA SER A 151 5.12 -12.35 -2.92
C SER A 151 4.09 -11.44 -2.27
N ALA A 152 3.31 -10.73 -3.10
CA ALA A 152 2.23 -9.93 -2.54
C ALA A 152 1.22 -10.81 -1.80
N ARG A 153 0.78 -11.87 -2.47
CA ARG A 153 -0.22 -12.80 -1.89
C ARG A 153 0.28 -13.33 -0.55
N SER A 154 1.52 -13.81 -0.52
CA SER A 154 2.07 -14.39 0.70
C SER A 154 2.10 -13.42 1.87
N ALA A 155 2.50 -12.18 1.61
CA ALA A 155 2.59 -11.16 2.65
C ALA A 155 1.19 -10.86 3.17
N TYR A 156 0.25 -10.63 2.26
CA TYR A 156 -1.15 -10.38 2.65
C TYR A 156 -1.70 -11.57 3.43
N GLN A 157 -1.41 -12.79 3.01
CA GLN A 157 -1.98 -13.96 3.68
C GLN A 157 -1.47 -14.10 5.10
N GLU A 158 -0.17 -13.87 5.31
CA GLU A 158 0.38 -13.92 6.65
C GLU A 158 -0.28 -12.84 7.55
N ALA A 159 -0.45 -11.63 6.99
CA ALA A 159 -1.08 -10.55 7.72
C ALA A 159 -2.54 -10.94 8.07
N MET A 160 -3.25 -11.55 7.11
CA MET A 160 -4.64 -11.95 7.35
C MET A 160 -4.69 -12.99 8.46
N ASP A 161 -3.79 -13.96 8.42
CA ASP A 161 -3.85 -15.03 9.40
C ASP A 161 -3.67 -14.45 10.84
N ILE A 162 -2.67 -13.58 11.01
CA ILE A 162 -2.45 -12.94 12.30
C ILE A 162 -3.66 -12.07 12.71
N SER A 163 -4.16 -11.29 11.76
CA SER A 163 -5.25 -10.35 12.05
C SER A 163 -6.50 -11.12 12.55
N LYS A 164 -6.82 -12.24 11.91
CA LYS A 164 -7.98 -13.00 12.29
C LYS A 164 -7.85 -13.63 13.68
N LYS A 165 -6.63 -14.00 14.07
CA LYS A 165 -6.37 -14.61 15.37
C LYS A 165 -6.33 -13.59 16.51
N GLU A 166 -5.78 -12.41 16.22
CA GLU A 166 -5.34 -11.46 17.25
C GLU A 166 -6.09 -10.14 17.39
N MET A 167 -6.90 -9.81 16.36
CA MET A 167 -7.58 -8.52 16.32
C MET A 167 -9.08 -8.71 16.15
N PRO A 168 -9.89 -7.80 16.72
CA PRO A 168 -11.33 -7.86 16.50
C PRO A 168 -11.67 -7.50 15.07
N PRO A 169 -12.84 -7.94 14.58
CA PRO A 169 -13.23 -7.72 13.18
C PRO A 169 -13.41 -6.25 12.80
N THR A 170 -13.54 -5.34 13.78
CA THR A 170 -13.63 -3.91 13.51
C THR A 170 -12.30 -3.17 13.57
N ASN A 171 -11.22 -3.88 13.92
CA ASN A 171 -9.95 -3.20 14.04
C ASN A 171 -9.58 -2.55 12.71
N PRO A 172 -9.27 -1.23 12.68
CA PRO A 172 -8.99 -0.55 11.41
C PRO A 172 -7.84 -1.16 10.59
N ILE A 173 -6.84 -1.73 11.26
CA ILE A 173 -5.76 -2.37 10.55
C ILE A 173 -6.26 -3.64 9.84
N ARG A 174 -7.02 -4.44 10.57
CA ARG A 174 -7.64 -5.66 10.01
C ARG A 174 -8.54 -5.27 8.81
N LEU A 175 -9.33 -4.22 8.96
CA LEU A 175 -10.22 -3.77 7.89
C LEU A 175 -9.44 -3.30 6.67
N GLY A 176 -8.44 -2.46 6.88
CA GLY A 176 -7.67 -1.93 5.78
C GLY A 176 -6.88 -2.98 5.04
N LEU A 177 -6.33 -3.93 5.78
CA LEU A 177 -5.69 -5.10 5.18
C LEU A 177 -6.67 -5.83 4.26
N ALA A 178 -7.86 -6.14 4.77
CA ALA A 178 -8.86 -6.90 4.00
C ALA A 178 -9.29 -6.13 2.76
N LEU A 179 -9.50 -4.82 2.91
CA LEU A 179 -9.82 -3.96 1.77
C LEU A 179 -8.78 -4.13 0.68
N ASN A 180 -7.51 -3.97 1.06
CA ASN A 180 -6.43 -4.01 0.07
C ASN A 180 -6.19 -5.41 -0.52
N PHE A 181 -6.30 -6.46 0.31
CA PHE A 181 -6.14 -7.83 -0.19
C PHE A 181 -7.27 -8.15 -1.18
N SER A 182 -8.47 -7.63 -0.88
CA SER A 182 -9.61 -7.79 -1.79
C SER A 182 -9.31 -7.14 -3.14
N VAL A 183 -8.77 -5.91 -3.12
CA VAL A 183 -8.33 -5.28 -4.36
C VAL A 183 -7.24 -6.09 -5.09
N PHE A 184 -6.27 -6.63 -4.35
CA PHE A 184 -5.29 -7.54 -4.92
C PHE A 184 -5.98 -8.67 -5.71
N HIS A 185 -6.96 -9.31 -5.06
CA HIS A 185 -7.65 -10.42 -5.73
C HIS A 185 -8.30 -9.95 -7.02
N TYR A 186 -8.96 -8.80 -6.97
CA TYR A 186 -9.75 -8.29 -8.12
C TYR A 186 -8.83 -7.83 -9.27
N GLU A 187 -7.79 -7.06 -8.93
CA GLU A 187 -7.01 -6.37 -9.96
C GLU A 187 -5.75 -7.09 -10.39
N ILE A 188 -5.19 -7.90 -9.49
CA ILE A 188 -3.89 -8.53 -9.73
C ILE A 188 -4.00 -10.05 -9.99
N ALA A 189 -4.78 -10.74 -9.15
CA ALA A 189 -4.89 -12.20 -9.18
C ALA A 189 -6.00 -12.74 -10.09
N ASN A 190 -6.74 -11.83 -10.75
CA ASN A 190 -7.83 -12.24 -11.66
C ASN A 190 -8.79 -13.14 -10.94
N SER A 191 -9.12 -12.74 -9.70
CA SER A 191 -10.02 -13.49 -8.82
C SER A 191 -11.14 -12.62 -8.29
N PRO A 192 -12.03 -12.09 -9.16
CA PRO A 192 -13.06 -11.16 -8.68
C PRO A 192 -14.00 -11.80 -7.66
N GLU A 193 -14.31 -13.09 -7.81
CA GLU A 193 -15.17 -13.73 -6.82
C GLU A 193 -14.55 -13.75 -5.44
N GLU A 194 -13.24 -14.04 -5.35
CA GLU A 194 -12.55 -14.00 -4.08
C GLU A 194 -12.55 -12.57 -3.49
N ALA A 195 -12.36 -11.59 -4.37
CA ALA A 195 -12.35 -10.20 -3.95
C ALA A 195 -13.69 -9.79 -3.33
N ILE A 196 -14.77 -10.16 -4.00
CA ILE A 196 -16.11 -9.83 -3.56
C ILE A 196 -16.44 -10.57 -2.26
N SER A 197 -16.15 -11.88 -2.20
CA SER A 197 -16.37 -12.66 -0.98
C SER A 197 -15.64 -12.07 0.23
N LEU A 198 -14.38 -11.69 0.03
CA LEU A 198 -13.60 -11.13 1.12
C LEU A 198 -14.18 -9.83 1.58
N ALA A 199 -14.49 -8.93 0.64
CA ALA A 199 -15.04 -7.66 1.03
C ALA A 199 -16.37 -7.80 1.79
N LYS A 200 -17.24 -8.68 1.29
CA LYS A 200 -18.54 -8.89 1.92
C LYS A 200 -18.40 -9.46 3.32
N THR A 201 -17.63 -10.55 3.46
CA THR A 201 -17.47 -11.20 4.73
C THR A 201 -16.84 -10.24 5.75
N THR A 202 -15.84 -9.47 5.30
CA THR A 202 -15.18 -8.51 6.18
C THR A 202 -16.18 -7.44 6.66
N PHE A 203 -16.97 -6.89 5.72
CA PHE A 203 -17.99 -5.90 6.05
C PHE A 203 -18.98 -6.45 7.08
N ASP A 204 -19.48 -7.66 6.82
CA ASP A 204 -20.55 -8.19 7.65
C ASP A 204 -20.04 -8.55 9.06
N GLU A 205 -18.83 -9.09 9.17
CA GLU A 205 -18.30 -9.42 10.46
C GLU A 205 -17.96 -8.16 11.25
N ALA A 206 -17.56 -7.10 10.56
CA ALA A 206 -17.35 -5.82 11.23
C ALA A 206 -18.65 -5.24 11.73
N MET A 207 -19.69 -5.27 10.89
CA MET A 207 -21.02 -4.77 11.25
C MET A 207 -21.47 -5.35 12.59
N ALA A 208 -21.28 -6.67 12.73
CA ALA A 208 -21.70 -7.38 13.92
C ALA A 208 -20.93 -7.07 15.20
N ASP A 209 -19.77 -6.40 15.06
CA ASP A 209 -18.92 -6.08 16.22
C ASP A 209 -18.95 -4.58 16.57
N LEU A 210 -19.64 -3.75 15.76
CA LEU A 210 -19.68 -2.32 16.02
C LEU A 210 -20.27 -2.00 17.39
N HIS A 211 -21.16 -2.86 17.90
CA HIS A 211 -21.85 -2.61 19.17
C HIS A 211 -20.93 -2.51 20.36
N THR A 212 -19.70 -3.03 20.20
CA THR A 212 -18.69 -3.07 21.26
C THR A 212 -17.88 -1.81 21.37
N LEU A 213 -18.06 -0.90 20.41
CA LEU A 213 -17.15 0.22 20.24
C LEU A 213 -17.64 1.54 20.83
N SER A 214 -16.67 2.36 21.24
CA SER A 214 -16.89 3.77 21.49
C SER A 214 -17.30 4.53 20.24
N GLU A 215 -17.78 5.76 20.42
CA GLU A 215 -18.11 6.62 19.30
C GLU A 215 -16.91 6.83 18.36
N ASP A 216 -15.73 7.10 18.94
CA ASP A 216 -14.59 7.41 18.13
C ASP A 216 -14.09 6.16 17.38
N SER A 217 -14.10 4.99 18.04
CA SER A 217 -13.71 3.77 17.36
C SER A 217 -14.71 3.42 16.24
N TYR A 218 -15.99 3.62 16.54
CA TYR A 218 -17.09 3.42 15.57
C TYR A 218 -16.83 4.29 14.32
N LYS A 219 -16.47 5.56 14.52
CA LYS A 219 -16.17 6.42 13.39
C LYS A 219 -15.05 5.84 12.51
N ASP A 220 -13.97 5.39 13.17
CA ASP A 220 -12.80 4.87 12.46
C ASP A 220 -13.18 3.62 11.65
N SER A 221 -13.89 2.69 12.29
CA SER A 221 -14.22 1.42 11.65
C SER A 221 -15.21 1.60 10.51
N THR A 222 -16.23 2.42 10.75
CA THR A 222 -17.26 2.64 9.73
C THR A 222 -16.73 3.33 8.47
N LEU A 223 -15.74 4.20 8.63
CA LEU A 223 -15.12 4.83 7.46
C LEU A 223 -14.58 3.78 6.52
N ILE A 224 -13.82 2.82 7.08
CA ILE A 224 -13.21 1.80 6.22
C ILE A 224 -14.27 0.83 5.71
N MET A 225 -15.28 0.53 6.54
CA MET A 225 -16.36 -0.30 6.06
C MET A 225 -17.06 0.32 4.84
N GLN A 226 -17.17 1.64 4.82
CA GLN A 226 -17.74 2.28 3.67
C GLN A 226 -16.92 2.10 2.41
N LEU A 227 -15.58 2.07 2.56
CA LEU A 227 -14.71 1.80 1.42
C LEU A 227 -14.94 0.38 0.88
N LEU A 228 -15.13 -0.59 1.79
CA LEU A 228 -15.48 -1.93 1.38
C LEU A 228 -16.76 -1.94 0.57
N ARG A 229 -17.78 -1.23 1.08
CA ARG A 229 -19.10 -1.12 0.39
C ARG A 229 -18.90 -0.43 -0.96
N ASP A 230 -18.06 0.62 -1.01
CA ASP A 230 -17.85 1.32 -2.27
C ASP A 230 -17.29 0.38 -3.34
N ASN A 231 -16.31 -0.44 -2.94
CA ASN A 231 -15.74 -1.40 -3.87
C ASN A 231 -16.75 -2.45 -4.29
N LEU A 232 -17.53 -2.96 -3.34
CA LEU A 232 -18.57 -3.92 -3.66
C LEU A 232 -19.54 -3.34 -4.67
N THR A 233 -19.91 -2.07 -4.49
CA THR A 233 -20.78 -1.41 -5.44
C THR A 233 -20.18 -1.28 -6.85
N LEU A 234 -18.87 -1.01 -6.91
CA LEU A 234 -18.15 -0.92 -8.17
C LEU A 234 -18.17 -2.28 -8.88
N TRP A 235 -18.08 -3.36 -8.09
CA TRP A 235 -17.87 -4.69 -8.61
C TRP A 235 -19.10 -5.55 -8.86
N THR A 236 -20.26 -5.11 -8.39
CA THR A 236 -21.49 -5.88 -8.48
C THR A 236 -22.61 -5.06 -9.11
N PHE B 1 -10.75 3.58 -10.32
CA PHE B 1 -9.92 2.61 -9.54
C PHE B 1 -10.53 2.36 -8.17
N PRO B 2 -10.36 1.15 -7.61
CA PRO B 2 -10.98 0.82 -6.33
C PRO B 2 -10.22 1.43 -5.13
N ALA B 3 -10.92 1.55 -4.02
CA ALA B 3 -10.36 2.09 -2.80
C ALA B 3 -9.41 1.14 -2.14
N TPO B 4 -8.26 1.70 -1.76
CA TPO B 4 -7.26 1.08 -0.86
CB TPO B 4 -6.09 0.49 -1.67
CG2 TPO B 4 -6.53 -0.63 -2.60
OG1 TPO B 4 -5.55 1.60 -2.44
P TPO B 4 -4.15 1.51 -3.23
O1P TPO B 4 -4.38 0.72 -4.50
O2P TPO B 4 -3.78 2.97 -3.49
O3P TPO B 4 -3.17 0.82 -2.31
C TPO B 4 -6.79 2.10 0.17
O TPO B 4 -6.91 3.31 -0.09
N VAL B 5 -6.26 1.63 1.30
CA VAL B 5 -5.75 2.50 2.33
C VAL B 5 -4.33 2.22 2.69
MG MG C . -12.48 -17.10 3.55
MG MG D . 10.63 -1.77 -17.17
C23 MVO E . -8.18 5.10 6.86
C22 MVO E . -8.13 5.83 5.55
C20 MVO E . -6.87 7.61 6.42
C26 MVO E . -6.03 3.26 11.83
C10 MVO E . -6.98 5.47 7.75
C12 MVO E . -5.39 3.50 7.33
C13 MVO E . -4.10 3.13 6.93
C14 MVO E . -3.70 1.81 7.03
C15 MVO E . -4.55 0.87 7.57
C16 MVO E . -5.83 1.21 7.98
C17 MVO E . -6.24 2.53 7.87
C19 MVO E . -6.79 7.00 7.80
C25 MVO E . -6.90 4.45 11.51
C01 MVO E . -0.60 2.63 14.18
C02 MVO E . -1.99 2.25 13.71
C04 MVO E . -3.70 2.38 11.97
C05 MVO E . -4.55 3.64 11.82
C06 MVO E . -4.17 4.38 10.53
C07 MVO E . -5.14 5.50 10.21
C09 MVO E . -7.36 4.98 9.15
N03 MVO E . -2.36 2.64 12.49
N08 MVO E . -6.52 5.00 10.20
N11 MVO E . -5.75 4.86 7.23
O21 MVO E . -8.08 7.22 5.76
O24 MVO E . -8.49 4.53 9.36
O27 MVO E . -2.75 1.65 14.48
CL18 MVO E . -4.02 -0.77 7.73
#